data_7SOR
#
_entry.id   7SOR
#
_cell.length_a   48.562
_cell.length_b   55.890
_cell.length_c   70.172
_cell.angle_alpha   90.000
_cell.angle_beta   90.000
_cell.angle_gamma   90.000
#
_symmetry.space_group_name_H-M   'P 21 21 21'
#
loop_
_entity.id
_entity.type
_entity.pdbx_description
1 polymer 'Isoform 2 of La-related protein 1'
2 polymer "RNA (5'-R(*AP*AP*A)-3')"
3 non-polymer 1,2-ETHANEDIOL
4 non-polymer 'CHLORIDE ION'
5 water water
#
loop_
_entity_poly.entity_id
_entity_poly.type
_entity_poly.pdbx_seq_one_letter_code
_entity_poly.pdbx_strand_id
1 'polypeptide(L)'
;MGSSHHHHHHSQELLKDYIKRQIEYYFSVDNLERDFFLRRKMDADGFLPITLIASFHRVQALTTDISLIFAALKDSKVVE
IVDEKVRRREEPEKWPLPP
;
A,C
2 'polyribonucleotide' AAA B,D
#
# COMPACT_ATOMS: atom_id res chain seq x y z
N SER A 11 -1.85 23.02 6.83
CA SER A 11 -2.53 23.14 5.55
C SER A 11 -3.26 21.85 5.14
N GLN A 12 -4.08 21.27 6.01
CA GLN A 12 -4.68 19.97 5.70
C GLN A 12 -5.65 20.02 4.53
N GLU A 13 -6.40 21.11 4.37
CA GLU A 13 -7.29 21.19 3.22
C GLU A 13 -6.51 21.24 1.91
N LEU A 14 -5.41 21.97 1.89
CA LEU A 14 -4.57 21.99 0.70
C LEU A 14 -3.94 20.61 0.47
N LEU A 15 -3.49 19.97 1.54
CA LEU A 15 -2.96 18.61 1.42
C LEU A 15 -3.98 17.66 0.81
N LYS A 16 -5.21 17.66 1.32
CA LYS A 16 -6.25 16.81 0.72
C LYS A 16 -6.49 17.13 -0.75
N ASP A 17 -6.50 18.42 -1.11
CA ASP A 17 -6.70 18.79 -2.51
C ASP A 17 -5.56 18.29 -3.39
N TYR A 18 -4.31 18.36 -2.89
CA TYR A 18 -3.20 17.83 -3.69
C TYR A 18 -3.27 16.31 -3.85
N ILE A 19 -3.66 15.60 -2.79
CA ILE A 19 -3.85 14.15 -2.89
C ILE A 19 -4.94 13.84 -3.92
N LYS A 20 -6.07 14.53 -3.84
CA LYS A 20 -7.15 14.33 -4.79
C LYS A 20 -6.69 14.59 -6.21
N ARG A 21 -6.03 15.73 -6.46
CA ARG A 21 -5.59 16.04 -7.82
C ARG A 21 -4.61 15.00 -8.34
N GLN A 22 -3.67 14.56 -7.51
CA GLN A 22 -2.68 13.57 -7.99
C GLN A 22 -3.35 12.25 -8.34
N ILE A 23 -4.25 11.77 -7.49
CA ILE A 23 -4.89 10.49 -7.77
C ILE A 23 -5.87 10.60 -8.94
N GLU A 24 -6.59 11.72 -9.05
CA GLU A 24 -7.46 11.92 -10.22
C GLU A 24 -6.63 11.99 -11.48
N TYR A 25 -5.38 12.46 -11.42
CA TYR A 25 -4.51 12.36 -12.60
C TYR A 25 -4.25 10.89 -12.98
N TYR A 26 -3.96 10.02 -12.01
CA TYR A 26 -3.69 8.64 -12.39
C TYR A 26 -4.87 8.02 -13.12
N PHE A 27 -6.10 8.40 -12.74
CA PHE A 27 -7.32 7.88 -13.35
C PHE A 27 -7.86 8.75 -14.46
N SER A 28 -7.11 9.74 -14.94
CA SER A 28 -7.50 10.49 -16.12
C SER A 28 -7.32 9.65 -17.39
N VAL A 29 -8.11 9.95 -18.43
CA VAL A 29 -7.93 9.27 -19.71
C VAL A 29 -6.52 9.46 -20.26
N ASP A 30 -5.99 10.67 -20.16
CA ASP A 30 -4.63 10.96 -20.66
C ASP A 30 -3.59 10.02 -20.07
N ASN A 31 -3.67 9.77 -18.75
CA ASN A 31 -2.70 8.86 -18.14
C ASN A 31 -3.04 7.40 -18.43
N LEU A 32 -4.33 7.03 -18.32
CA LEU A 32 -4.69 5.62 -18.47
C LEU A 32 -4.30 5.09 -19.82
N GLU A 33 -4.38 5.89 -20.87
CA GLU A 33 -4.06 5.38 -22.21
C GLU A 33 -2.71 4.68 -22.24
N ARG A 34 -1.72 5.20 -21.48
CA ARG A 34 -0.37 4.64 -21.48
C ARG A 34 0.01 3.88 -20.24
N ASP A 35 -0.85 3.81 -19.23
CA ASP A 35 -0.41 3.30 -17.92
C ASP A 35 -0.77 1.82 -17.83
N PHE A 36 0.05 0.99 -18.47
CA PHE A 36 -0.27 -0.44 -18.52
C PHE A 36 -0.11 -1.08 -17.17
N PHE A 37 0.88 -0.63 -16.38
CA PHE A 37 1.06 -1.21 -15.05
C PHE A 37 -0.20 -1.05 -14.22
N LEU A 38 -0.78 0.18 -14.22
CA LEU A 38 -1.95 0.44 -13.42
C LEU A 38 -3.14 -0.40 -13.91
N ARG A 39 -3.31 -0.49 -15.23
CA ARG A 39 -4.46 -1.21 -15.80
C ARG A 39 -4.36 -2.72 -15.59
N ARG A 40 -3.15 -3.27 -15.54
CA ARG A 40 -2.95 -4.69 -15.26
C ARG A 40 -3.28 -5.05 -13.82
N LYS A 41 -3.36 -4.06 -12.95
CA LYS A 41 -3.73 -4.28 -11.55
C LYS A 41 -5.23 -4.15 -11.32
N MET A 42 -6.01 -3.77 -12.33
CA MET A 42 -7.47 -3.69 -12.17
C MET A 42 -8.12 -5.06 -12.21
N ASP A 43 -9.23 -5.19 -11.50
CA ASP A 43 -10.17 -6.28 -11.74
C ASP A 43 -11.04 -5.96 -12.96
N ALA A 44 -11.99 -6.83 -13.30
CA ALA A 44 -12.81 -6.60 -14.48
C ALA A 44 -13.74 -5.42 -14.35
N ASP A 45 -13.99 -4.93 -13.12
CA ASP A 45 -14.80 -3.74 -12.88
C ASP A 45 -13.96 -2.47 -12.87
N GLY A 46 -12.63 -2.58 -13.06
CA GLY A 46 -11.75 -1.41 -13.01
C GLY A 46 -11.20 -1.09 -11.64
N PHE A 47 -11.53 -1.88 -10.62
CA PHE A 47 -11.07 -1.54 -9.26
C PHE A 47 -9.65 -2.05 -9.04
N LEU A 48 -8.88 -1.25 -8.32
CA LEU A 48 -7.57 -1.71 -7.88
C LEU A 48 -7.37 -1.27 -6.44
N PRO A 49 -6.50 -1.96 -5.70
CA PRO A 49 -6.32 -1.65 -4.27
C PRO A 49 -5.81 -0.23 -4.01
N ILE A 50 -6.46 0.46 -3.06
CA ILE A 50 -5.92 1.77 -2.65
C ILE A 50 -4.48 1.65 -2.12
N THR A 51 -4.10 0.48 -1.56
CA THR A 51 -2.69 0.30 -1.16
C THR A 51 -1.71 0.51 -2.30
N LEU A 52 -2.03 0.07 -3.52
CA LEU A 52 -1.13 0.32 -4.64
C LEU A 52 -0.96 1.80 -4.88
N ILE A 53 -2.08 2.53 -4.96
CA ILE A 53 -2.02 3.99 -5.18
C ILE A 53 -1.25 4.67 -4.08
N ALA A 54 -1.48 4.26 -2.83
CA ALA A 54 -0.81 4.90 -1.70
C ALA A 54 0.71 4.70 -1.72
N SER A 55 1.21 3.70 -2.39
CA SER A 55 2.64 3.46 -2.49
C SER A 55 3.31 4.23 -3.60
N PHE A 56 2.56 4.86 -4.49
CA PHE A 56 3.20 5.60 -5.57
C PHE A 56 3.92 6.82 -5.00
N HIS A 57 5.03 7.18 -5.65
CA HIS A 57 5.94 8.13 -5.02
C HIS A 57 5.29 9.51 -4.83
N ARG A 58 4.44 9.98 -5.76
CA ARG A 58 3.86 11.29 -5.57
C ARG A 58 2.86 11.30 -4.42
N VAL A 59 2.24 10.16 -4.14
CA VAL A 59 1.31 10.07 -3.02
C VAL A 59 2.10 10.00 -1.71
N GLN A 60 3.15 9.18 -1.69
CA GLN A 60 4.07 9.13 -0.54
C GLN A 60 4.63 10.49 -0.19
N ALA A 61 4.85 11.35 -1.18
CA ALA A 61 5.35 12.72 -0.99
C ALA A 61 4.34 13.64 -0.33
N LEU A 62 3.10 13.18 -0.18
CA LEU A 62 2.05 13.93 0.51
C LEU A 62 1.64 13.33 1.82
N THR A 63 1.44 12.01 1.90
CA THR A 63 1.10 11.37 3.16
C THR A 63 1.54 9.93 3.11
N THR A 64 1.81 9.37 4.27
CA THR A 64 1.98 7.94 4.41
C THR A 64 0.77 7.29 5.07
N ASP A 65 -0.26 8.09 5.43
CA ASP A 65 -1.46 7.66 6.17
C ASP A 65 -2.61 7.40 5.19
N ILE A 66 -2.93 6.12 4.94
CA ILE A 66 -3.96 5.81 3.94
C ILE A 66 -5.34 6.37 4.30
N SER A 67 -5.62 6.62 5.58
CA SER A 67 -6.91 7.20 5.95
C SER A 67 -7.09 8.61 5.40
N LEU A 68 -6.00 9.38 5.27
CA LEU A 68 -6.14 10.68 4.65
C LEU A 68 -6.44 10.57 3.15
N ILE A 69 -5.97 9.51 2.47
CA ILE A 69 -6.34 9.29 1.08
C ILE A 69 -7.86 9.10 0.93
N PHE A 70 -8.43 8.23 1.78
CA PHE A 70 -9.88 8.00 1.73
C PHE A 70 -10.59 9.33 1.93
N ALA A 71 -10.13 10.13 2.91
CA ALA A 71 -10.79 11.42 3.15
C ALA A 71 -10.67 12.37 1.96
N ALA A 72 -9.50 12.42 1.32
CA ALA A 72 -9.27 13.33 0.20
C ALA A 72 -10.15 13.01 -1.00
N LEU A 73 -10.51 11.73 -1.17
CA LEU A 73 -11.22 11.26 -2.35
C LEU A 73 -12.71 11.17 -2.12
N LYS A 74 -13.18 11.44 -0.90
CA LYS A 74 -14.57 11.13 -0.52
C LYS A 74 -15.58 11.77 -1.46
N ASP A 75 -15.30 12.97 -1.98
CA ASP A 75 -16.28 13.63 -2.83
C ASP A 75 -15.91 13.59 -4.31
N SER A 76 -14.94 12.77 -4.72
CA SER A 76 -14.49 12.80 -6.11
C SER A 76 -15.59 12.43 -7.09
N LYS A 77 -15.69 13.21 -8.15
CA LYS A 77 -16.54 12.86 -9.29
C LYS A 77 -15.81 12.03 -10.35
N VAL A 78 -14.48 11.91 -10.27
CA VAL A 78 -13.67 11.12 -11.21
C VAL A 78 -13.57 9.67 -10.77
N VAL A 79 -13.34 9.44 -9.49
CA VAL A 79 -13.08 8.09 -8.98
C VAL A 79 -14.19 7.68 -8.02
N GLU A 80 -14.28 6.38 -7.79
CA GLU A 80 -15.26 5.76 -6.91
C GLU A 80 -14.53 4.76 -6.02
N ILE A 81 -14.82 4.80 -4.71
CA ILE A 81 -14.19 3.92 -3.74
C ILE A 81 -15.21 2.90 -3.25
N VAL A 82 -14.87 1.62 -3.30
CA VAL A 82 -15.70 0.56 -2.76
C VAL A 82 -14.79 -0.35 -1.97
N ASP A 83 -15.15 -0.56 -0.69
CA ASP A 83 -14.33 -1.28 0.28
C ASP A 83 -12.96 -0.56 0.32
N GLU A 84 -11.92 -1.25 -0.06
CA GLU A 84 -10.57 -0.69 0.00
C GLU A 84 -9.99 -0.52 -1.39
N LYS A 85 -10.85 -0.43 -2.42
CA LYS A 85 -10.40 -0.32 -3.80
C LYS A 85 -10.99 0.92 -4.45
N VAL A 86 -10.36 1.35 -5.54
CA VAL A 86 -10.72 2.57 -6.25
C VAL A 86 -10.74 2.29 -7.76
N ARG A 87 -11.65 2.98 -8.47
CA ARG A 87 -11.70 2.91 -9.93
C ARG A 87 -12.09 4.27 -10.51
N ARG A 88 -11.81 4.41 -11.81
CA ARG A 88 -12.43 5.49 -12.60
C ARG A 88 -13.94 5.23 -12.75
N ARG A 89 -14.76 6.25 -12.45
CA ARG A 89 -16.21 6.06 -12.49
C ARG A 89 -16.73 5.85 -13.92
N GLU A 90 -16.27 6.61 -14.89
CA GLU A 90 -16.85 6.57 -16.24
C GLU A 90 -16.32 5.36 -17.02
N GLU A 91 -17.24 4.59 -17.60
CA GLU A 91 -16.90 3.49 -18.50
C GLU A 91 -15.81 2.58 -17.92
N PRO A 92 -16.05 2.01 -16.75
CA PRO A 92 -14.92 1.44 -16.00
C PRO A 92 -14.31 0.24 -16.71
N GLU A 93 -15.09 -0.50 -17.48
CA GLU A 93 -14.64 -1.72 -18.16
C GLU A 93 -13.82 -1.43 -19.40
N LYS A 94 -13.68 -0.17 -19.82
CA LYS A 94 -12.83 0.11 -20.95
C LYS A 94 -11.36 -0.14 -20.65
N TRP A 95 -10.93 0.01 -19.35
CA TRP A 95 -9.53 0.14 -19.03
C TRP A 95 -8.76 -1.09 -18.54
N PRO A 96 -9.37 -2.09 -17.90
CA PRO A 96 -8.58 -3.21 -17.39
C PRO A 96 -7.80 -3.89 -18.50
N LEU A 97 -6.60 -4.37 -18.14
CA LEU A 97 -5.81 -5.19 -19.06
C LEU A 97 -5.50 -6.52 -18.39
N PRO A 98 -5.29 -7.60 -19.15
CA PRO A 98 -4.92 -8.90 -18.55
C PRO A 98 -3.74 -8.75 -17.60
N PRO A 99 -3.86 -9.29 -16.38
CA PRO A 99 -2.80 -9.11 -15.38
C PRO A 99 -1.51 -9.68 -15.88
N SER C 11 -5.46 -24.56 2.12
CA SER C 11 -5.09 -23.54 1.14
C SER C 11 -4.81 -22.20 1.87
N GLN C 12 -5.80 -21.68 2.58
CA GLN C 12 -5.64 -20.39 3.25
C GLN C 12 -4.62 -20.41 4.38
N GLU C 13 -4.46 -21.53 5.08
CA GLU C 13 -3.47 -21.58 6.15
C GLU C 13 -2.06 -21.56 5.57
N LEU C 14 -1.85 -22.23 4.43
CA LEU C 14 -0.56 -22.15 3.77
C LEU C 14 -0.32 -20.74 3.24
N LEU C 15 -1.36 -20.12 2.68
CA LEU C 15 -1.23 -18.74 2.20
C LEU C 15 -0.83 -17.80 3.33
N LYS C 16 -1.51 -17.90 4.48
CA LYS C 16 -1.12 -17.08 5.65
C LYS C 16 0.32 -17.37 6.08
N ASP C 17 0.74 -18.63 6.10
CA ASP C 17 2.13 -18.95 6.45
C ASP C 17 3.11 -18.32 5.47
N TYR C 18 2.79 -18.34 4.16
CA TYR C 18 3.73 -17.74 3.21
C TYR C 18 3.79 -16.23 3.35
N ILE C 19 2.66 -15.56 3.64
CA ILE C 19 2.65 -14.13 3.92
C ILE C 19 3.52 -13.84 5.11
N LYS C 20 3.33 -14.60 6.20
CA LYS C 20 4.09 -14.40 7.43
C LYS C 20 5.58 -14.59 7.18
N ARG C 21 5.96 -15.67 6.50
CA ARG C 21 7.38 -15.91 6.24
C ARG C 21 7.98 -14.79 5.39
N GLN C 22 7.25 -14.32 4.37
CA GLN C 22 7.81 -13.29 3.50
C GLN C 22 8.02 -11.99 4.26
N ILE C 23 7.04 -11.59 5.05
CA ILE C 23 7.16 -10.34 5.80
C ILE C 23 8.20 -10.47 6.91
N GLU C 24 8.24 -11.60 7.61
CA GLU C 24 9.31 -11.80 8.60
C GLU C 24 10.69 -11.78 7.95
N TYR C 25 10.82 -12.19 6.68
CA TYR C 25 12.09 -12.01 5.99
C TYR C 25 12.45 -10.53 5.84
N TYR C 26 11.49 -9.68 5.44
CA TYR C 26 11.84 -8.26 5.32
C TYR C 26 12.34 -7.69 6.63
N PHE C 27 11.86 -8.17 7.79
CA PHE C 27 12.28 -7.69 9.10
C PHE C 27 13.34 -8.54 9.75
N SER C 28 13.98 -9.44 9.02
CA SER C 28 15.13 -10.17 9.53
C SER C 28 16.35 -9.24 9.54
N VAL C 29 17.29 -9.53 10.43
CA VAL C 29 18.55 -8.76 10.48
C VAL C 29 19.31 -8.87 9.16
N ASP C 30 19.37 -10.06 8.58
CA ASP C 30 20.05 -10.25 7.29
C ASP C 30 19.53 -9.28 6.24
N ASN C 31 18.21 -9.13 6.13
CA ASN C 31 17.67 -8.20 5.16
C ASN C 31 17.85 -6.75 5.59
N LEU C 32 17.53 -6.45 6.86
CA LEU C 32 17.54 -5.05 7.30
C LEU C 32 18.91 -4.43 7.16
N GLU C 33 19.97 -5.22 7.30
CA GLU C 33 21.31 -4.61 7.26
C GLU C 33 21.52 -3.85 5.98
N ARG C 34 20.96 -4.35 4.84
CA ARG C 34 21.12 -3.72 3.54
C ARG C 34 19.89 -2.98 3.02
N ASP C 35 18.76 -3.01 3.70
CA ASP C 35 17.48 -2.54 3.11
C ASP C 35 17.25 -1.08 3.53
N PHE C 36 17.99 -0.21 2.84
CA PHE C 36 17.93 1.21 3.21
C PHE C 36 16.57 1.81 2.90
N PHE C 37 15.93 1.37 1.78
CA PHE C 37 14.62 1.93 1.45
C PHE C 37 13.64 1.66 2.58
N LEU C 38 13.60 0.41 3.06
CA LEU C 38 12.64 0.05 4.12
C LEU C 38 12.94 0.85 5.40
N ARG C 39 14.21 0.98 5.77
CA ARG C 39 14.59 1.68 6.99
C ARG C 39 14.34 3.19 6.91
N ARG C 40 14.42 3.79 5.73
CA ARG C 40 14.12 5.22 5.57
C ARG C 40 12.62 5.49 5.67
N LYS C 41 11.80 4.45 5.58
CA LYS C 41 10.34 4.57 5.74
C LYS C 41 9.92 4.36 7.18
N MET C 42 10.82 4.01 8.09
CA MET C 42 10.46 3.83 9.50
C MET C 42 10.32 5.16 10.22
N ASP C 43 9.43 5.19 11.23
CA ASP C 43 9.49 6.23 12.23
C ASP C 43 10.59 5.93 13.26
N ALA C 44 10.73 6.79 14.28
CA ALA C 44 11.84 6.60 15.21
C ALA C 44 11.67 5.38 16.09
N ASP C 45 10.45 4.82 16.16
CA ASP C 45 10.16 3.59 16.88
C ASP C 45 10.34 2.35 16.00
N GLY C 46 10.69 2.52 14.72
CA GLY C 46 10.85 1.38 13.79
C GLY C 46 9.59 0.99 13.06
N PHE C 47 8.47 1.70 13.27
CA PHE C 47 7.23 1.33 12.60
C PHE C 47 7.17 1.88 11.19
N LEU C 48 6.59 1.09 10.30
CA LEU C 48 6.22 1.62 8.99
C LEU C 48 4.86 1.06 8.57
N PRO C 49 4.16 1.72 7.66
CA PRO C 49 2.76 1.31 7.37
C PRO C 49 2.66 -0.07 6.74
N ILE C 50 1.74 -0.90 7.26
CA ILE C 50 1.45 -2.19 6.61
C ILE C 50 1.01 -1.99 5.17
N THR C 51 0.34 -0.88 4.88
CA THR C 51 -0.11 -0.65 3.52
C THR C 51 1.09 -0.52 2.58
N LEU C 52 2.23 -0.08 3.07
CA LEU C 52 3.47 -0.02 2.27
C LEU C 52 4.02 -1.44 1.97
N ILE C 53 4.12 -2.30 3.00
CA ILE C 53 4.53 -3.70 2.84
C ILE C 53 3.61 -4.43 1.86
N ALA C 54 2.33 -4.09 1.89
CA ALA C 54 1.39 -4.76 1.01
C ALA C 54 1.67 -4.46 -0.45
N SER C 55 2.32 -3.36 -0.78
CA SER C 55 2.63 -3.06 -2.18
C SER C 55 3.88 -3.77 -2.69
N PHE C 56 4.65 -4.42 -1.84
CA PHE C 56 5.87 -5.08 -2.32
C PHE C 56 5.51 -6.31 -3.16
N HIS C 57 6.32 -6.59 -4.18
CA HIS C 57 5.90 -7.52 -5.23
C HIS C 57 5.67 -8.93 -4.69
N ARG C 58 6.47 -9.40 -3.72
CA ARG C 58 6.22 -10.76 -3.22
C ARG C 58 4.95 -10.84 -2.40
N VAL C 59 4.55 -9.75 -1.76
CA VAL C 59 3.28 -9.77 -1.04
C VAL C 59 2.13 -9.68 -2.04
N GLN C 60 2.24 -8.81 -3.04
CA GLN C 60 1.26 -8.78 -4.14
C GLN C 60 1.05 -10.13 -4.77
N ALA C 61 2.09 -10.95 -4.85
CA ALA C 61 2.02 -12.28 -5.45
C ALA C 61 1.26 -13.27 -4.57
N LEU C 62 0.88 -12.88 -3.36
CA LEU C 62 0.09 -13.69 -2.45
C LEU C 62 -1.32 -13.14 -2.23
N THR C 63 -1.47 -11.86 -1.97
CA THR C 63 -2.79 -11.29 -1.75
C THR C 63 -2.74 -9.80 -2.02
N THR C 64 -3.92 -9.23 -2.32
CA THR C 64 -4.13 -7.80 -2.22
C THR C 64 -5.09 -7.43 -1.09
N ASP C 65 -5.55 -8.41 -0.29
CA ASP C 65 -6.46 -8.20 0.82
C ASP C 65 -5.67 -7.84 2.07
N ILE C 66 -5.72 -6.57 2.47
CA ILE C 66 -4.93 -6.13 3.62
C ILE C 66 -5.35 -6.84 4.91
N SER C 67 -6.63 -7.21 5.03
CA SER C 67 -7.08 -7.89 6.26
C SER C 67 -6.42 -9.26 6.42
N LEU C 68 -6.14 -9.96 5.30
CA LEU C 68 -5.45 -11.23 5.42
C LEU C 68 -4.01 -11.05 5.89
N ILE C 69 -3.37 -9.94 5.49
CA ILE C 69 -2.01 -9.68 5.96
C ILE C 69 -1.98 -9.52 7.50
N PHE C 70 -2.90 -8.72 8.04
CA PHE C 70 -3.03 -8.63 9.49
C PHE C 70 -3.23 -10.01 10.11
N ALA C 71 -4.14 -10.83 9.53
CA ALA C 71 -4.38 -12.14 10.12
C ALA C 71 -3.13 -13.00 10.11
N ALA C 72 -2.36 -12.95 9.01
CA ALA C 72 -1.16 -13.80 8.89
C ALA C 72 -0.11 -13.43 9.93
N LEU C 73 -0.09 -12.18 10.35
CA LEU C 73 0.97 -11.69 11.23
C LEU C 73 0.58 -11.69 12.70
N LYS C 74 -0.67 -12.03 13.01
CA LYS C 74 -1.21 -11.83 14.36
C LYS C 74 -0.37 -12.53 15.42
N ASP C 75 0.22 -13.69 15.11
CA ASP C 75 0.97 -14.43 16.12
C ASP C 75 2.49 -14.28 15.98
N SER C 76 2.97 -13.35 15.14
CA SER C 76 4.41 -13.30 14.88
C SER C 76 5.22 -12.97 16.13
N LYS C 77 6.29 -13.71 16.34
CA LYS C 77 7.27 -13.33 17.35
C LYS C 77 8.37 -12.41 16.80
N VAL C 78 8.47 -12.24 15.47
CA VAL C 78 9.48 -11.37 14.83
C VAL C 78 8.98 -9.93 14.78
N VAL C 79 7.71 -9.73 14.39
CA VAL C 79 7.20 -8.38 14.16
C VAL C 79 6.09 -8.09 15.16
N GLU C 80 5.81 -6.79 15.32
CA GLU C 80 4.77 -6.30 16.21
C GLU C 80 3.93 -5.32 15.39
N ILE C 81 2.62 -5.42 15.52
CA ILE C 81 1.67 -4.57 14.81
C ILE C 81 0.98 -3.64 15.80
N VAL C 82 1.00 -2.33 15.50
CA VAL C 82 0.33 -1.31 16.30
C VAL C 82 -0.32 -0.35 15.32
N ASP C 83 -1.64 -0.16 15.44
CA ASP C 83 -2.40 0.80 14.62
C ASP C 83 -2.01 0.80 13.13
N GLU C 84 -2.12 -0.33 12.50
CA GLU C 84 -1.86 -0.47 11.05
C GLU C 84 -0.40 -0.30 10.65
N LYS C 85 0.53 -0.24 11.60
CA LYS C 85 1.93 -0.20 11.27
C LYS C 85 2.61 -1.43 11.86
N VAL C 86 3.80 -1.73 11.35
CA VAL C 86 4.52 -2.94 11.73
C VAL C 86 5.98 -2.58 11.96
N ARG C 87 6.63 -3.29 12.90
CA ARG C 87 8.05 -3.12 13.15
C ARG C 87 8.66 -4.45 13.58
N ARG C 88 9.98 -4.49 13.51
CA ARG C 88 10.71 -5.59 14.15
C ARG C 88 10.64 -5.46 15.67
N ARG C 89 10.28 -6.52 16.37
CA ARG C 89 10.08 -6.45 17.81
C ARG C 89 11.39 -6.19 18.55
N GLU C 90 12.46 -6.90 18.20
CA GLU C 90 13.71 -6.82 18.94
C GLU C 90 14.46 -5.53 18.58
N GLU C 91 14.84 -4.77 19.62
CA GLU C 91 15.69 -3.59 19.46
C GLU C 91 15.26 -2.69 18.30
N PRO C 92 14.00 -2.22 18.30
CA PRO C 92 13.49 -1.66 17.05
C PRO C 92 14.17 -0.35 16.68
N GLU C 93 14.69 0.40 17.65
CA GLU C 93 15.38 1.69 17.44
C GLU C 93 16.75 1.54 16.77
N LYS C 94 17.31 0.33 16.67
CA LYS C 94 18.55 0.13 15.95
C LYS C 94 18.44 0.46 14.47
N TRP C 95 17.23 0.28 13.86
CA TRP C 95 17.13 0.21 12.38
C TRP C 95 16.67 1.46 11.64
N PRO C 96 15.90 2.40 12.18
CA PRO C 96 15.47 3.55 11.37
C PRO C 96 16.66 4.29 10.79
N LEU C 97 16.47 4.84 9.59
CA LEU C 97 17.43 5.73 8.96
C LEU C 97 16.76 7.03 8.63
N PRO C 98 17.49 8.14 8.56
CA PRO C 98 16.89 9.41 8.16
C PRO C 98 16.15 9.27 6.83
N PRO C 99 14.93 9.78 6.73
CA PRO C 99 14.15 9.59 5.51
C PRO C 99 14.87 10.19 4.35
#